data_9QVE
#
_entry.id   9QVE
#
_cell.length_a   1.00
_cell.length_b   1.00
_cell.length_c   1.00
_cell.angle_alpha   90.00
_cell.angle_beta   90.00
_cell.angle_gamma   90.00
#
_symmetry.space_group_name_H-M   'P 1'
#
loop_
_entity.id
_entity.type
_entity.pdbx_description
1 polymer 'Capsid protein'
2 non-polymer 'MAGNESIUM ION'
#
_entity_poly.entity_id   1
_entity_poly.type   'polypeptide(L)'
_entity_poly.pdbx_seq_one_letter_code
;MAKQQNNRRKSATMRAVKRMINTHLEHKRFALINSGNTNATAGTVQNLSNGIIQGDDINQRSGDQVRIVSHKLHVRGTAI
TVSQTFRFIWFRDNMNRGTTPTVLEVLNTANFMSQYNPITLQQKRFTILKDVTLNCSLTGESIKDRIINLPGQLVNYNGA
TAVAASNGPGAIFMLQIGDSLVGLWDSSYEAVYTDA
;
_entity_poly.pdbx_strand_id   A
#
loop_
_chem_comp.id
_chem_comp.type
_chem_comp.name
_chem_comp.formula
MG non-polymer 'MAGNESIUM ION' 'Mg 2'
#
# COMPACT_ATOMS: atom_id res chain seq x y z
N THR A 13 13.82 30.68 -1.32
CA THR A 13 12.72 31.37 -0.64
C THR A 13 11.55 30.42 -0.41
N MET A 14 11.30 29.54 -1.38
CA MET A 14 10.21 28.59 -1.25
C MET A 14 10.45 27.63 -0.10
N ARG A 15 11.72 27.39 0.27
CA ARG A 15 12.01 26.56 1.43
C ARG A 15 11.44 27.18 2.70
N ALA A 16 11.56 28.49 2.85
CA ALA A 16 11.02 29.17 4.01
C ALA A 16 9.51 29.00 4.07
N VAL A 17 8.85 29.02 2.91
CA VAL A 17 7.40 28.83 2.87
C VAL A 17 7.04 27.47 3.46
N LYS A 18 7.78 26.43 3.07
CA LYS A 18 7.51 25.10 3.60
C LYS A 18 7.65 25.07 5.12
N ARG A 19 8.73 25.67 5.63
CA ARG A 19 8.92 25.74 7.07
C ARG A 19 7.81 26.55 7.73
N MET A 20 7.49 27.70 7.15
CA MET A 20 6.47 28.57 7.72
C MET A 20 5.10 27.89 7.76
N ILE A 21 4.73 27.20 6.68
CA ILE A 21 3.40 26.62 6.59
C ILE A 21 3.31 25.31 7.37
N ASN A 22 4.30 24.43 7.22
CA ASN A 22 4.26 23.12 7.86
C ASN A 22 4.38 23.20 9.38
N THR A 23 4.95 24.27 9.92
CA THR A 23 4.99 24.46 11.36
C THR A 23 3.62 24.77 11.94
N HIS A 24 2.65 25.17 11.12
CA HIS A 24 1.31 25.49 11.57
C HIS A 24 0.29 24.41 11.23
N LEU A 25 0.71 23.34 10.55
CA LEU A 25 -0.19 22.25 10.16
C LEU A 25 0.17 21.01 10.95
N GLU A 26 -0.83 20.44 11.63
CA GLU A 26 -0.62 19.20 12.37
C GLU A 26 -0.27 18.07 11.40
N HIS A 27 0.72 17.27 11.78
CA HIS A 27 1.14 16.12 10.99
C HIS A 27 0.51 14.88 11.61
N LYS A 28 -0.73 14.61 11.21
CA LYS A 28 -1.45 13.45 11.71
C LYS A 28 -0.77 12.17 11.26
N ARG A 29 -0.91 11.13 12.07
CA ARG A 29 -0.27 9.84 11.83
C ARG A 29 -1.29 8.72 11.96
N PHE A 30 -1.20 7.76 11.05
CA PHE A 30 -2.10 6.60 11.01
C PHE A 30 -1.27 5.34 10.95
N ALA A 31 -1.59 4.37 11.82
CA ALA A 31 -0.84 3.13 11.94
C ALA A 31 -1.73 1.96 11.57
N LEU A 32 -1.20 1.06 10.73
CA LEU A 32 -1.95 -0.09 10.23
C LEU A 32 -1.09 -1.34 10.37
N ILE A 33 -1.70 -2.42 10.84
CA ILE A 33 -1.04 -3.71 10.98
C ILE A 33 -1.91 -4.79 10.34
N ASN A 34 -1.26 -5.72 9.63
CA ASN A 34 -1.95 -6.80 8.94
C ASN A 34 -1.02 -8.02 8.97
N SER A 35 -1.27 -8.91 9.93
CA SER A 35 -0.39 -10.05 10.17
C SER A 35 -1.18 -11.36 10.15
N GLY A 36 -0.51 -12.42 9.73
CA GLY A 36 -1.08 -13.75 9.73
C GLY A 36 -1.71 -14.20 8.43
N ASN A 37 -1.50 -13.48 7.34
CA ASN A 37 -2.12 -13.80 6.06
C ASN A 37 -1.28 -14.80 5.28
N THR A 38 -1.96 -15.66 4.53
CA THR A 38 -1.31 -16.71 3.77
C THR A 38 -0.88 -16.19 2.39
N ASN A 39 0.11 -16.86 1.82
CA ASN A 39 0.56 -16.54 0.48
C ASN A 39 -0.48 -16.96 -0.54
N ALA A 40 -0.54 -16.22 -1.65
CA ALA A 40 -1.56 -16.42 -2.66
C ALA A 40 -0.93 -16.61 -4.03
N THR A 41 -1.53 -17.51 -4.82
CA THR A 41 -1.12 -17.68 -6.20
C THR A 41 -1.83 -16.69 -7.11
N ALA A 42 -3.17 -16.62 -7.02
CA ALA A 42 -3.92 -15.64 -7.81
C ALA A 42 -3.61 -14.22 -7.35
N GLY A 43 -3.37 -14.02 -6.06
CA GLY A 43 -2.99 -12.73 -5.54
C GLY A 43 -4.14 -12.04 -4.84
N THR A 44 -3.78 -11.03 -4.05
CA THR A 44 -4.75 -10.24 -3.30
C THR A 44 -4.26 -8.79 -3.25
N VAL A 45 -5.21 -7.87 -3.15
CA VAL A 45 -4.93 -6.44 -3.04
C VAL A 45 -5.47 -5.96 -1.70
N GLN A 46 -4.62 -5.30 -0.93
CA GLN A 46 -4.92 -4.91 0.44
C GLN A 46 -5.02 -3.40 0.55
N ASN A 47 -6.05 -2.95 1.24
CA ASN A 47 -6.24 -1.53 1.48
C ASN A 47 -5.35 -1.09 2.65
N LEU A 48 -4.64 0.02 2.45
CA LEU A 48 -3.79 0.60 3.48
C LEU A 48 -4.23 1.98 3.91
N SER A 49 -4.58 2.85 2.96
CA SER A 49 -4.95 4.22 3.26
C SER A 49 -6.42 4.37 3.60
N ASN A 50 -7.23 3.33 3.44
CA ASN A 50 -8.66 3.43 3.71
C ASN A 50 -8.98 3.51 5.19
N GLY A 51 -8.08 3.08 6.07
CA GLY A 51 -8.34 3.15 7.50
C GLY A 51 -8.50 4.56 7.99
N ILE A 52 -7.99 5.53 7.24
CA ILE A 52 -8.19 6.94 7.56
C ILE A 52 -9.65 7.29 7.28
N ILE A 53 -10.42 7.50 8.34
CA ILE A 53 -11.85 7.78 8.22
C ILE A 53 -12.12 9.21 8.67
N GLN A 54 -13.36 9.65 8.55
CA GLN A 54 -13.75 10.99 8.93
C GLN A 54 -13.89 11.09 10.44
N GLY A 55 -13.42 12.20 11.00
CA GLY A 55 -13.52 12.44 12.42
C GLY A 55 -12.56 13.52 12.85
N ASP A 56 -12.55 13.76 14.16
CA ASP A 56 -11.70 14.78 14.76
C ASP A 56 -10.54 14.18 15.55
N ASP A 57 -10.26 12.91 15.36
CA ASP A 57 -9.17 12.22 16.06
C ASP A 57 -7.88 12.37 15.26
N ILE A 58 -6.77 11.98 15.89
CA ILE A 58 -5.48 12.16 15.26
C ILE A 58 -5.27 11.21 14.07
N ASN A 59 -5.97 10.09 14.04
CA ASN A 59 -5.83 9.09 12.97
C ASN A 59 -7.02 9.17 12.02
N GLN A 60 -7.54 10.37 11.80
CA GLN A 60 -8.73 10.58 11.00
C GLN A 60 -8.54 11.83 10.15
N ARG A 61 -9.51 12.08 9.27
CA ARG A 61 -9.45 13.18 8.32
C ARG A 61 -10.73 13.99 8.39
N SER A 62 -10.62 15.27 8.05
CA SER A 62 -11.80 16.10 7.80
C SER A 62 -11.94 16.34 6.31
N GLY A 63 -13.13 16.06 5.78
CA GLY A 63 -13.35 16.18 4.35
C GLY A 63 -13.06 14.87 3.63
N ASP A 64 -12.47 14.98 2.44
CA ASP A 64 -12.13 13.82 1.63
C ASP A 64 -10.76 13.94 0.99
N GLN A 65 -9.92 14.87 1.46
CA GLN A 65 -8.56 15.03 0.94
C GLN A 65 -7.58 15.08 2.10
N VAL A 66 -6.42 14.45 1.91
CA VAL A 66 -5.30 14.54 2.84
C VAL A 66 -4.01 14.46 2.03
N ARG A 67 -3.02 15.25 2.42
CA ARG A 67 -1.70 15.19 1.81
C ARG A 67 -0.80 14.35 2.70
N ILE A 68 -0.29 13.24 2.15
CA ILE A 68 0.59 12.34 2.89
C ILE A 68 2.02 12.84 2.71
N VAL A 69 2.61 13.32 3.80
CA VAL A 69 3.99 13.80 3.75
C VAL A 69 4.94 12.65 3.48
N SER A 70 4.77 11.55 4.22
CA SER A 70 5.58 10.36 4.03
C SER A 70 4.81 9.17 4.56
N HIS A 71 5.18 7.98 4.08
CA HIS A 71 4.54 6.75 4.50
C HIS A 71 5.56 5.62 4.46
N LYS A 72 5.33 4.61 5.27
CA LYS A 72 6.26 3.52 5.47
C LYS A 72 5.55 2.19 5.29
N LEU A 73 6.21 1.26 4.62
CA LEU A 73 5.69 -0.09 4.40
C LEU A 73 6.68 -1.10 4.96
N HIS A 74 6.18 -2.06 5.71
CA HIS A 74 6.97 -3.12 6.29
C HIS A 74 6.32 -4.46 5.97
N VAL A 75 7.11 -5.38 5.42
CA VAL A 75 6.62 -6.70 5.04
C VAL A 75 7.55 -7.76 5.59
N ARG A 76 7.03 -8.97 5.75
CA ARG A 76 7.79 -10.07 6.32
C ARG A 76 7.14 -11.37 5.90
N GLY A 77 7.89 -12.23 5.24
CA GLY A 77 7.40 -13.52 4.78
C GLY A 77 8.05 -14.66 5.53
N THR A 78 7.31 -15.75 5.67
CA THR A 78 7.79 -16.94 6.37
C THR A 78 7.50 -18.16 5.51
N ALA A 79 8.46 -19.07 5.46
CA ALA A 79 8.35 -20.29 4.66
C ALA A 79 7.80 -21.43 5.51
N ILE A 80 6.78 -22.10 4.99
CA ILE A 80 6.15 -23.23 5.67
C ILE A 80 6.07 -24.39 4.69
N THR A 81 6.49 -25.57 5.14
CA THR A 81 6.37 -26.80 4.35
C THR A 81 7.36 -26.81 3.18
N VAL A 82 7.21 -25.88 2.25
CA VAL A 82 8.06 -25.83 1.06
C VAL A 82 8.59 -24.42 0.90
N SER A 83 9.73 -24.31 0.21
CA SER A 83 10.30 -23.01 -0.11
C SER A 83 9.41 -22.30 -1.12
N GLN A 84 9.23 -20.99 -0.92
CA GLN A 84 8.30 -20.22 -1.73
C GLN A 84 8.79 -18.79 -1.83
N THR A 85 8.26 -18.09 -2.83
CA THR A 85 8.62 -16.70 -3.10
C THR A 85 7.43 -15.82 -2.78
N PHE A 86 7.69 -14.75 -2.03
CA PHE A 86 6.70 -13.73 -1.73
C PHE A 86 6.99 -12.49 -2.57
N ARG A 87 5.99 -12.03 -3.32
CA ARG A 87 6.11 -10.81 -4.10
C ARG A 87 5.14 -9.77 -3.55
N PHE A 88 5.65 -8.56 -3.31
CA PHE A 88 4.86 -7.47 -2.78
C PHE A 88 4.96 -6.28 -3.73
N ILE A 89 3.81 -5.75 -4.13
CA ILE A 89 3.73 -4.60 -5.03
C ILE A 89 3.08 -3.48 -4.26
N TRP A 90 3.78 -2.36 -4.14
CA TRP A 90 3.28 -1.18 -3.45
C TRP A 90 3.03 -0.11 -4.50
N PHE A 91 1.75 0.11 -4.82
CA PHE A 91 1.38 1.00 -5.91
C PHE A 91 0.35 2.02 -5.43
N ARG A 92 0.04 2.95 -6.33
CA ARG A 92 -0.87 4.06 -6.08
C ARG A 92 -1.91 4.10 -7.17
N ASP A 93 -3.18 4.15 -6.80
CA ASP A 93 -4.29 4.19 -7.75
C ASP A 93 -4.72 5.64 -7.92
N ASN A 94 -4.44 6.21 -9.09
CA ASN A 94 -4.75 7.61 -9.37
C ASN A 94 -6.08 7.80 -10.08
N MET A 95 -6.85 6.73 -10.30
CA MET A 95 -8.10 6.82 -11.03
C MET A 95 -9.20 6.02 -10.33
N ASN A 96 -9.09 5.83 -9.03
CA ASN A 96 -10.05 5.02 -8.31
C ASN A 96 -11.41 5.70 -8.29
N ARG A 97 -12.47 4.88 -8.37
CA ARG A 97 -13.84 5.38 -8.41
C ARG A 97 -14.71 4.63 -7.40
N GLY A 98 -14.10 4.10 -6.34
CA GLY A 98 -14.84 3.41 -5.31
C GLY A 98 -14.76 1.90 -5.43
N THR A 99 -13.58 1.37 -5.70
CA THR A 99 -13.40 -0.06 -5.87
C THR A 99 -11.98 -0.43 -5.45
N THR A 100 -11.85 -1.65 -4.92
CA THR A 100 -10.54 -2.19 -4.61
C THR A 100 -9.95 -2.82 -5.87
N PRO A 101 -8.79 -2.37 -6.34
CA PRO A 101 -8.27 -2.89 -7.61
C PRO A 101 -8.06 -4.39 -7.59
N THR A 102 -8.30 -5.01 -8.75
CA THR A 102 -8.06 -6.43 -8.91
C THR A 102 -6.59 -6.66 -9.29
N VAL A 103 -6.23 -7.94 -9.36
CA VAL A 103 -4.85 -8.29 -9.67
C VAL A 103 -4.58 -8.21 -11.17
N LEU A 104 -5.57 -8.54 -11.99
CA LEU A 104 -5.41 -8.49 -13.44
C LEU A 104 -5.28 -7.08 -13.98
N GLU A 105 -5.73 -6.06 -13.22
CA GLU A 105 -5.51 -4.68 -13.62
C GLU A 105 -4.07 -4.24 -13.36
N VAL A 106 -3.34 -4.94 -12.51
CA VAL A 106 -1.97 -4.59 -12.18
C VAL A 106 -0.95 -5.47 -12.87
N LEU A 107 -1.32 -6.69 -13.26
CA LEU A 107 -0.40 -7.63 -13.88
C LEU A 107 -1.02 -8.20 -15.14
N ASN A 108 -0.16 -8.50 -16.12
CA ASN A 108 -0.64 -9.06 -17.38
C ASN A 108 -1.29 -10.42 -17.15
N THR A 109 -0.71 -11.23 -16.27
CA THR A 109 -1.29 -12.51 -15.88
C THR A 109 -1.16 -12.67 -14.37
N ALA A 110 -2.03 -13.51 -13.82
CA ALA A 110 -2.06 -13.76 -12.37
C ALA A 110 -0.97 -14.73 -11.97
N ASN A 111 0.28 -14.29 -12.18
CA ASN A 111 1.46 -15.07 -11.83
C ASN A 111 2.48 -14.16 -11.18
N PHE A 112 3.16 -14.67 -10.16
CA PHE A 112 4.18 -13.89 -9.45
C PHE A 112 5.30 -13.44 -10.37
N MET A 113 5.51 -14.13 -11.48
CA MET A 113 6.51 -13.73 -12.47
C MET A 113 5.97 -12.74 -13.48
N SER A 114 4.69 -12.38 -13.39
CA SER A 114 4.07 -11.54 -14.38
C SER A 114 4.63 -10.12 -14.34
N GLN A 115 4.61 -9.46 -15.49
CA GLN A 115 4.96 -8.06 -15.60
C GLN A 115 3.71 -7.19 -15.44
N TYR A 116 3.94 -5.89 -15.28
CA TYR A 116 2.83 -4.97 -15.07
C TYR A 116 1.96 -4.90 -16.32
N ASN A 117 0.69 -4.58 -16.11
CA ASN A 117 -0.26 -4.56 -17.22
C ASN A 117 0.12 -3.43 -18.18
N PRO A 118 0.36 -3.73 -19.46
CA PRO A 118 0.73 -2.66 -20.39
C PRO A 118 -0.35 -1.61 -20.58
N ILE A 119 -1.62 -2.02 -20.57
CA ILE A 119 -2.70 -1.08 -20.84
C ILE A 119 -2.85 -0.07 -19.70
N THR A 120 -2.84 -0.56 -18.46
CA THR A 120 -3.09 0.32 -17.32
C THR A 120 -1.92 1.23 -17.01
N LEU A 121 -0.68 0.77 -17.18
CA LEU A 121 0.48 1.61 -16.91
C LEU A 121 0.73 2.63 -18.01
N GLN A 122 0.33 2.33 -19.24
CA GLN A 122 0.35 3.35 -20.29
C GLN A 122 -0.56 4.52 -19.92
N GLN A 123 -1.75 4.22 -19.41
CA GLN A 123 -2.68 5.25 -18.97
C GLN A 123 -2.24 5.91 -17.67
N LYS A 124 -1.21 5.38 -17.02
CA LYS A 124 -0.79 5.84 -15.70
C LYS A 124 -1.92 5.65 -14.68
N ARG A 125 -2.72 4.61 -14.88
CA ARG A 125 -3.77 4.29 -13.92
C ARG A 125 -3.20 3.99 -12.55
N PHE A 126 -2.10 3.24 -12.52
CA PHE A 126 -1.38 2.92 -11.30
C PHE A 126 0.03 3.47 -11.37
N THR A 127 0.54 3.88 -10.22
CA THR A 127 1.92 4.32 -10.08
C THR A 127 2.63 3.35 -9.14
N ILE A 128 3.69 2.72 -9.62
CA ILE A 128 4.42 1.74 -8.82
C ILE A 128 5.38 2.48 -7.91
N LEU A 129 5.27 2.22 -6.60
CA LEU A 129 6.16 2.84 -5.62
C LEU A 129 7.35 1.94 -5.32
N LYS A 130 7.11 0.66 -5.10
CA LYS A 130 8.19 -0.28 -4.81
C LYS A 130 7.69 -1.71 -4.96
N ASP A 131 8.42 -2.53 -5.72
CA ASP A 131 8.10 -3.94 -5.91
C ASP A 131 9.18 -4.75 -5.22
N VAL A 132 8.76 -5.64 -4.33
CA VAL A 132 9.66 -6.42 -3.49
C VAL A 132 9.34 -7.90 -3.69
N THR A 133 10.39 -8.70 -3.90
CA THR A 133 10.26 -10.14 -4.03
C THR A 133 11.17 -10.81 -3.01
N LEU A 134 10.60 -11.64 -2.16
CA LEU A 134 11.32 -12.32 -1.11
C LEU A 134 11.31 -13.82 -1.37
N ASN A 135 12.49 -14.44 -1.34
CA ASN A 135 12.64 -15.87 -1.50
C ASN A 135 13.05 -16.45 -0.15
N CYS A 136 12.15 -17.26 0.43
CA CYS A 136 12.36 -17.84 1.75
C CYS A 136 12.51 -19.35 1.60
N SER A 137 13.63 -19.87 2.10
CA SER A 137 13.99 -21.27 1.91
C SER A 137 14.00 -21.97 3.27
N LEU A 138 13.53 -23.22 3.27
CA LEU A 138 13.54 -24.00 4.51
C LEU A 138 14.95 -24.36 4.94
N THR A 139 15.84 -24.61 3.99
CA THR A 139 17.23 -24.95 4.29
C THR A 139 18.11 -23.73 4.47
N GLY A 140 17.53 -22.53 4.39
CA GLY A 140 18.29 -21.31 4.55
C GLY A 140 17.56 -20.29 5.39
N GLU A 141 17.46 -19.06 4.90
CA GLU A 141 16.76 -17.99 5.60
C GLU A 141 15.26 -18.20 5.42
N SER A 142 14.67 -18.95 6.36
CA SER A 142 13.25 -19.22 6.32
C SER A 142 12.41 -17.96 6.45
N ILE A 143 12.98 -16.89 7.00
CA ILE A 143 12.27 -15.65 7.25
C ILE A 143 13.04 -14.51 6.59
N LYS A 144 12.31 -13.57 6.02
CA LYS A 144 12.91 -12.47 5.29
C LYS A 144 11.97 -11.28 5.32
N ASP A 145 12.52 -10.09 5.54
CA ASP A 145 11.72 -8.89 5.72
C ASP A 145 12.38 -7.71 5.02
N ARG A 146 11.62 -6.64 4.84
CA ARG A 146 12.11 -5.44 4.21
C ARG A 146 11.24 -4.26 4.63
N ILE A 147 11.87 -3.09 4.73
CA ILE A 147 11.21 -1.86 5.14
C ILE A 147 11.43 -0.81 4.07
N ILE A 148 10.36 -0.11 3.69
CA ILE A 148 10.40 0.92 2.66
C ILE A 148 9.83 2.21 3.23
N ASN A 149 10.52 3.31 3.01
CA ASN A 149 10.06 4.64 3.42
C ASN A 149 10.15 5.56 2.22
N LEU A 150 9.04 6.19 1.86
CA LEU A 150 8.95 7.05 0.71
C LEU A 150 8.10 8.27 1.03
N PRO A 151 8.29 9.38 0.30
CA PRO A 151 7.35 10.49 0.42
C PRO A 151 6.01 10.16 -0.21
N GLY A 152 4.98 10.89 0.22
CA GLY A 152 3.63 10.70 -0.26
C GLY A 152 3.13 11.88 -1.09
N GLN A 153 1.89 11.72 -1.56
CA GLN A 153 1.24 12.72 -2.39
C GLN A 153 -0.19 12.90 -1.88
N LEU A 154 -0.97 13.67 -2.63
CA LEU A 154 -2.36 13.90 -2.28
C LEU A 154 -3.16 12.60 -2.39
N VAL A 155 -4.09 12.42 -1.46
CA VAL A 155 -4.95 11.23 -1.42
C VAL A 155 -6.39 11.70 -1.30
N ASN A 156 -7.22 11.34 -2.27
CA ASN A 156 -8.63 11.68 -2.26
C ASN A 156 -9.46 10.50 -1.76
N TYR A 157 -10.70 10.80 -1.41
CA TYR A 157 -11.64 9.79 -0.94
C TYR A 157 -12.99 10.02 -1.60
N ASN A 158 -13.76 8.94 -1.74
CA ASN A 158 -15.10 8.99 -2.31
C ASN A 158 -16.17 8.71 -1.27
N GLY A 159 -15.81 8.72 0.02
CA GLY A 159 -16.76 8.45 1.07
C GLY A 159 -16.23 8.92 2.40
N ALA A 160 -16.76 8.32 3.46
CA ALA A 160 -16.39 8.65 4.82
C ALA A 160 -15.88 7.48 5.63
N THR A 161 -16.45 6.29 5.43
CA THR A 161 -16.12 5.13 6.24
C THR A 161 -14.88 4.44 5.69
N ALA A 162 -14.56 3.26 6.20
CA ALA A 162 -13.40 2.49 5.78
C ALA A 162 -13.74 1.34 4.85
N VAL A 163 -14.77 1.52 4.01
CA VAL A 163 -15.15 0.52 3.04
C VAL A 163 -14.53 0.88 1.70
N ALA A 164 -14.57 -0.07 0.77
CA ALA A 164 -13.93 0.14 -0.53
C ALA A 164 -14.55 1.31 -1.28
N ALA A 165 -15.83 1.59 -1.06
CA ALA A 165 -16.48 2.70 -1.74
C ALA A 165 -15.88 4.05 -1.35
N SER A 166 -15.17 4.11 -0.22
CA SER A 166 -14.56 5.35 0.24
C SER A 166 -13.24 5.66 -0.46
N ASN A 167 -12.71 4.73 -1.25
CA ASN A 167 -11.43 4.95 -1.90
C ASN A 167 -11.59 5.91 -3.07
N GLY A 168 -10.55 6.71 -3.29
CA GLY A 168 -10.53 7.66 -4.37
C GLY A 168 -9.16 7.77 -5.00
N PRO A 169 -8.99 8.72 -5.91
CA PRO A 169 -7.67 8.90 -6.54
C PRO A 169 -6.60 9.15 -5.50
N GLY A 170 -5.43 8.58 -5.73
CA GLY A 170 -4.35 8.63 -4.78
C GLY A 170 -4.39 7.54 -3.73
N ALA A 171 -5.34 6.61 -3.83
CA ALA A 171 -5.43 5.51 -2.88
C ALA A 171 -4.12 4.75 -2.82
N ILE A 172 -3.93 4.03 -1.72
CA ILE A 172 -2.70 3.28 -1.45
C ILE A 172 -3.07 1.82 -1.28
N PHE A 173 -2.38 0.95 -2.01
CA PHE A 173 -2.67 -0.48 -2.00
C PHE A 173 -1.36 -1.26 -1.99
N MET A 174 -1.46 -2.52 -1.61
CA MET A 174 -0.35 -3.46 -1.70
C MET A 174 -0.86 -4.75 -2.33
N LEU A 175 -0.13 -5.25 -3.32
CA LEU A 175 -0.46 -6.49 -4.00
C LEU A 175 0.50 -7.57 -3.54
N GLN A 176 -0.05 -8.70 -3.09
CA GLN A 176 0.73 -9.85 -2.65
C GLN A 176 0.40 -11.03 -3.53
N ILE A 177 1.43 -11.70 -4.02
CA ILE A 177 1.27 -12.84 -4.91
C ILE A 177 2.51 -13.71 -4.82
N GLY A 178 2.32 -15.02 -4.83
CA GLY A 178 3.43 -15.95 -4.70
C GLY A 178 3.22 -17.26 -5.40
N ASP A 179 4.12 -18.21 -5.19
CA ASP A 179 4.08 -19.51 -5.83
C ASP A 179 3.56 -20.61 -4.92
N SER A 180 2.98 -20.27 -3.77
CA SER A 180 2.49 -21.27 -2.84
C SER A 180 1.34 -20.69 -2.03
N LEU A 181 0.59 -21.58 -1.39
CA LEU A 181 -0.57 -21.20 -0.59
C LEU A 181 -0.40 -21.54 0.89
N VAL A 182 0.79 -21.95 1.30
CA VAL A 182 1.01 -22.39 2.68
C VAL A 182 1.81 -21.38 3.49
N GLY A 183 2.62 -20.54 2.85
CA GLY A 183 3.40 -19.57 3.59
C GLY A 183 2.54 -18.47 4.18
N LEU A 184 3.08 -17.84 5.22
CA LEU A 184 2.41 -16.78 5.95
C LEU A 184 3.21 -15.49 5.81
N TRP A 185 2.52 -14.41 5.48
CA TRP A 185 3.15 -13.10 5.31
C TRP A 185 2.46 -12.09 6.22
N ASP A 186 3.25 -11.18 6.77
CA ASP A 186 2.77 -10.14 7.67
C ASP A 186 3.23 -8.79 7.15
N SER A 187 2.52 -7.73 7.54
CA SER A 187 2.83 -6.41 7.04
C SER A 187 2.36 -5.35 8.04
N SER A 188 2.89 -4.14 7.86
CA SER A 188 2.47 -2.98 8.62
C SER A 188 2.61 -1.76 7.74
N TYR A 189 1.85 -0.71 8.07
CA TYR A 189 1.85 0.50 7.27
C TYR A 189 1.58 1.70 8.17
N GLU A 190 2.38 2.75 8.00
CA GLU A 190 2.20 4.00 8.72
C GLU A 190 2.32 5.16 7.74
N ALA A 191 1.52 6.19 7.95
CA ALA A 191 1.50 7.37 7.10
C ALA A 191 1.50 8.63 7.94
N VAL A 192 2.22 9.64 7.48
CA VAL A 192 2.26 10.95 8.10
C VAL A 192 1.67 11.94 7.10
N TYR A 193 0.57 12.59 7.49
CA TYR A 193 -0.18 13.41 6.56
C TYR A 193 -0.69 14.66 7.24
N THR A 194 -1.05 15.66 6.43
CA THR A 194 -1.65 16.90 6.89
C THR A 194 -3.07 16.99 6.36
N ASP A 195 -3.98 17.38 7.24
CA ASP A 195 -5.40 17.52 6.90
C ASP A 195 -5.81 18.97 7.16
N ALA A 196 -5.65 19.81 6.15
CA ALA A 196 -6.02 21.22 6.25
C ALA A 196 -6.87 21.63 5.05
MG MG B . -5.08 20.45 15.19
MG MG C . -16.16 16.18 13.86
MG MG D . 21.63 -23.59 5.29
#